data_5LW9
#
_entry.id   5LW9
#
_cell.length_a   142.960
_cell.length_b   142.960
_cell.length_c   152.470
_cell.angle_alpha   90.000
_cell.angle_beta   90.000
_cell.angle_gamma   120.000
#
_symmetry.space_group_name_H-M   'P 65 2 2'
#
loop_
_entity.id
_entity.type
_entity.pdbx_description
1 polymer 'Lysine-specific demethylase 5B,Lysine-specific demethylase 5B'
2 non-polymer 'ZINC ION'
3 non-polymer 'MANGANESE (II) ION'
4 non-polymer 1,2-ETHANEDIOL
5 non-polymer 'DIMETHYL SULFOXIDE'
6 non-polymer 8-[4-[2-[4-[3,5-bis(chloranyl)phenyl]piperidin-1-yl]ethyl]pyrazol-1-yl]-3~{H}-pyrido[3,4-d]pyrimidin-4-one
7 water water
#
_entity_poly.entity_id   1
_entity_poly.type   'polypeptide(L)'
_entity_poly.pdbx_seq_one_letter_code
;SMFLPPPECPVFEPSWEEFADPFAFIHKIRPIAEQTGICKVRPPPDWQPPFACDVDKLHFTPRIQRLNELEAQTRVKLGG
GGARDYTLRTFGEMADAFKSDYFNMPVHMVPTELVEKEFWRLVSTIEEDVTVEYGADIASKEFGSGFPVRDGKIKLSPEE
EEYLDSGWNLNNMPVMEQSVLAHITADICGMKLPWLYVGMCFSSFCWHIEDHWSYSINYLHWGEPKTWYGVPGYAAEQLE
NVMKKLAPELFVSQPDLLHQLVTIMNPNTLMTHEVPVYRTNQCAGEFVITFPRAYHSGFNQGFNFAEAVNFCTVDWLPLG
RQCVEHYRLLHRYCVFSHDEMICKMASKADVLDVVVASTVQKDMAIMIEDEKALRETVRKLGVIDSERMDFELLPDDERQ
CVKCKTTCFMSAISCSCKPGLLVCLHHVKELCSCPPYKYKLRYRYTLDDLYPMMNALKLRAESYNEWALNVNEALEAKIN
K
;
_entity_poly.pdbx_strand_id   A
#
# COMPACT_ATOMS: atom_id res chain seq x y z
N MET A 2 26.97 13.55 -11.59
CA MET A 2 27.59 12.43 -10.86
C MET A 2 26.64 11.80 -9.82
N PHE A 3 26.55 10.48 -9.84
CA PHE A 3 25.62 9.80 -8.95
C PHE A 3 26.37 8.86 -8.03
N LEU A 4 26.17 9.00 -6.73
CA LEU A 4 26.81 8.11 -5.76
C LEU A 4 25.77 7.16 -5.20
N PRO A 5 25.76 5.93 -5.68
CA PRO A 5 24.66 5.00 -5.38
C PRO A 5 24.50 4.78 -3.86
N PRO A 6 23.26 4.81 -3.37
CA PRO A 6 23.02 4.59 -1.94
C PRO A 6 23.53 3.22 -1.53
N PRO A 7 23.78 3.00 -0.23
CA PRO A 7 24.17 1.66 0.21
C PRO A 7 23.11 0.60 -0.14
N GLU A 8 23.52 -0.66 -0.29
CA GLU A 8 22.59 -1.77 -0.58
C GLU A 8 21.66 -2.11 0.59
N CYS A 9 20.38 -2.32 0.29
CA CYS A 9 19.45 -2.82 1.29
C CYS A 9 19.77 -4.29 1.61
N PRO A 10 19.25 -4.81 2.74
CA PRO A 10 19.45 -6.22 3.11
C PRO A 10 18.93 -7.18 2.06
N VAL A 11 19.67 -8.26 1.81
CA VAL A 11 19.17 -9.38 1.00
C VAL A 11 19.11 -10.67 1.82
N PHE A 12 17.94 -11.32 1.85
CA PHE A 12 17.78 -12.59 2.54
C PHE A 12 17.67 -13.77 1.59
N GLU A 13 18.32 -14.89 1.97
CA GLU A 13 18.16 -16.15 1.30
C GLU A 13 17.68 -17.17 2.32
N PRO A 14 16.35 -17.23 2.53
CA PRO A 14 15.79 -18.16 3.51
C PRO A 14 15.93 -19.61 3.09
N SER A 15 16.16 -20.49 4.06
CA SER A 15 16.11 -21.94 3.82
C SER A 15 14.68 -22.31 3.50
N TRP A 16 14.44 -23.54 3.06
CA TRP A 16 13.06 -23.89 2.75
C TRP A 16 12.23 -23.92 4.06
N GLU A 17 12.85 -24.32 5.17
CA GLU A 17 12.14 -24.27 6.45
C GLU A 17 11.67 -22.85 6.72
N GLU A 18 12.59 -21.88 6.66
CA GLU A 18 12.24 -20.47 6.87
C GLU A 18 11.20 -20.00 5.87
N PHE A 19 11.37 -20.39 4.61
CA PHE A 19 10.54 -19.92 3.51
C PHE A 19 9.10 -20.37 3.66
N ALA A 20 8.90 -21.55 4.21
CA ALA A 20 7.60 -22.20 4.34
C ALA A 20 6.46 -21.24 4.74
N ASP A 21 6.62 -20.50 5.84
CA ASP A 21 5.60 -19.53 6.23
C ASP A 21 6.05 -18.09 6.03
N PRO A 22 5.51 -17.42 4.99
CA PRO A 22 5.91 -16.06 4.63
C PRO A 22 5.70 -15.07 5.77
N PHE A 23 4.64 -15.22 6.55
CA PHE A 23 4.39 -14.29 7.65
C PHE A 23 5.37 -14.51 8.81
N ALA A 24 5.71 -15.77 9.09
CA ALA A 24 6.75 -16.04 10.07
C ALA A 24 8.08 -15.42 9.64
N PHE A 25 8.48 -15.64 8.39
CA PHE A 25 9.76 -15.12 7.89
C PHE A 25 9.81 -13.59 7.86
N ILE A 26 8.69 -12.97 7.50
CA ILE A 26 8.60 -11.52 7.47
C ILE A 26 8.71 -10.93 8.88
N HIS A 27 8.13 -11.63 9.86
CA HIS A 27 8.26 -11.24 11.25
C HIS A 27 9.70 -11.39 11.73
N LYS A 28 10.35 -12.50 11.34
CA LYS A 28 11.73 -12.75 11.73
C LYS A 28 12.70 -11.66 11.23
N ILE A 29 12.57 -11.26 9.97
CA ILE A 29 13.49 -10.29 9.38
C ILE A 29 13.16 -8.85 9.75
N ARG A 30 11.96 -8.63 10.27
CA ARG A 30 11.46 -7.28 10.55
C ARG A 30 12.42 -6.37 11.31
N PRO A 31 13.09 -6.89 12.36
CA PRO A 31 13.99 -5.97 13.08
C PRO A 31 15.10 -5.41 12.20
N ILE A 32 15.53 -6.21 11.24
CA ILE A 32 16.58 -5.80 10.31
C ILE A 32 15.99 -4.91 9.24
N ALA A 33 14.94 -5.41 8.58
CA ALA A 33 14.47 -4.82 7.34
C ALA A 33 13.77 -3.48 7.56
N GLU A 34 13.24 -3.25 8.75
CA GLU A 34 12.53 -2.01 9.00
C GLU A 34 13.50 -0.85 9.22
N GLN A 35 14.76 -1.16 9.53
CA GLN A 35 15.82 -0.15 9.60
C GLN A 35 16.20 0.41 8.23
N THR A 36 15.75 -0.28 7.17
CA THR A 36 16.12 0.12 5.81
C THR A 36 14.91 0.34 4.91
N GLY A 37 13.71 -0.01 5.40
CA GLY A 37 12.47 0.24 4.66
C GLY A 37 12.13 -0.81 3.61
N ILE A 38 13.10 -1.12 2.75
CA ILE A 38 12.92 -2.19 1.80
C ILE A 38 13.92 -3.30 2.09
N CYS A 39 13.55 -4.50 1.69
CA CYS A 39 14.51 -5.60 1.62
C CYS A 39 14.19 -6.51 0.47
N LYS A 40 15.18 -7.32 0.11
CA LYS A 40 15.06 -8.26 -0.98
C LYS A 40 15.02 -9.69 -0.43
N VAL A 41 14.15 -10.53 -1.00
CA VAL A 41 14.10 -11.92 -0.60
C VAL A 41 14.34 -12.84 -1.78
N ARG A 42 15.40 -13.63 -1.71
N ARG A 42 15.40 -13.64 -1.70
CA ARG A 42 15.65 -14.64 -2.74
CA ARG A 42 15.67 -14.65 -2.71
C ARG A 42 15.12 -16.00 -2.28
C ARG A 42 15.12 -16.01 -2.27
N PRO A 43 14.11 -16.53 -2.99
CA PRO A 43 13.56 -17.83 -2.63
C PRO A 43 14.59 -18.93 -2.77
N PRO A 44 14.38 -20.07 -2.11
CA PRO A 44 15.18 -21.27 -2.38
C PRO A 44 15.29 -21.50 -3.88
N PRO A 45 16.44 -22.03 -4.33
CA PRO A 45 16.77 -22.12 -5.76
C PRO A 45 15.75 -22.89 -6.59
N ASP A 46 15.08 -23.88 -6.00
CA ASP A 46 14.15 -24.69 -6.76
C ASP A 46 12.70 -24.21 -6.70
N TRP A 47 12.43 -23.16 -5.92
CA TRP A 47 11.12 -22.52 -5.92
C TRP A 47 10.99 -21.67 -7.18
N GLN A 48 10.35 -22.22 -8.21
CA GLN A 48 10.21 -21.51 -9.47
C GLN A 48 8.82 -21.69 -10.06
N PRO A 49 7.88 -20.80 -9.70
CA PRO A 49 6.53 -20.88 -10.24
C PRO A 49 6.53 -20.64 -11.75
N PRO A 50 5.67 -21.35 -12.48
CA PRO A 50 5.56 -21.14 -13.93
C PRO A 50 4.81 -19.84 -14.23
N PHE A 51 4.83 -19.37 -15.47
CA PHE A 51 4.18 -18.11 -15.80
C PHE A 51 2.83 -18.24 -16.55
N ALA A 52 1.77 -17.66 -15.98
CA ALA A 52 0.39 -17.82 -16.49
C ALA A 52 -0.22 -16.57 -17.16
N CYS A 53 0.32 -16.16 -18.31
CA CYS A 53 -0.14 -14.99 -19.09
C CYS A 53 0.33 -15.08 -20.55
N ASP A 54 -0.56 -14.82 -21.52
CA ASP A 54 -0.23 -14.95 -22.94
C ASP A 54 0.21 -13.63 -23.60
N VAL A 55 1.17 -13.72 -24.53
CA VAL A 55 1.82 -12.52 -25.08
C VAL A 55 1.00 -11.81 -26.17
N ASP A 56 0.04 -12.52 -26.74
CA ASP A 56 -0.73 -11.97 -27.87
C ASP A 56 -2.18 -11.65 -27.52
N LYS A 57 -2.72 -12.30 -26.49
CA LYS A 57 -4.14 -12.21 -26.20
C LYS A 57 -4.42 -11.28 -25.03
N LEU A 58 -3.38 -10.63 -24.55
CA LEU A 58 -3.53 -9.69 -23.44
C LEU A 58 -3.04 -8.29 -23.81
N HIS A 59 -3.95 -7.33 -23.68
N HIS A 59 -3.67 -7.32 -23.59
CA HIS A 59 -3.77 -5.94 -24.10
CA HIS A 59 -3.71 -5.95 -24.08
C HIS A 59 -3.72 -5.02 -22.89
C HIS A 59 -3.81 -4.97 -22.93
N PHE A 60 -3.12 -3.84 -23.05
CA PHE A 60 -3.18 -2.79 -22.03
C PHE A 60 -2.79 -1.44 -22.65
N THR A 61 -3.27 -0.36 -22.04
CA THR A 61 -2.82 0.97 -22.46
C THR A 61 -1.96 1.59 -21.35
N PRO A 62 -0.68 1.78 -21.64
CA PRO A 62 0.31 2.22 -20.66
C PRO A 62 0.29 3.74 -20.45
N ARG A 63 0.63 4.18 -19.26
CA ARG A 63 0.68 5.61 -18.99
C ARG A 63 1.99 6.18 -19.55
N ILE A 64 1.93 7.40 -20.08
CA ILE A 64 3.10 8.07 -20.66
C ILE A 64 3.90 8.76 -19.56
N GLN A 65 5.23 8.67 -19.64
CA GLN A 65 6.08 9.22 -18.57
C GLN A 65 7.19 10.05 -19.13
N ARG A 66 7.09 11.32 -18.78
CA ARG A 66 8.04 12.35 -19.09
C ARG A 66 9.12 12.43 -18.00
N LEU A 67 10.37 12.20 -18.37
CA LEU A 67 11.41 12.04 -17.36
C LEU A 67 11.91 13.37 -16.79
N ASN A 68 11.31 13.80 -15.68
CA ASN A 68 11.62 15.10 -15.08
C ASN A 68 11.50 15.10 -13.55
N GLU A 69 12.61 15.42 -12.89
CA GLU A 69 12.73 15.34 -11.44
C GLU A 69 11.95 16.42 -10.70
N LEU A 70 11.54 16.09 -9.47
CA LEU A 70 10.90 17.01 -8.53
C LEU A 70 9.58 17.52 -9.08
N GLU A 71 8.91 16.67 -9.84
CA GLU A 71 7.77 17.21 -10.53
C GLU A 71 6.52 16.32 -10.52
N ALA A 72 5.46 16.90 -9.95
CA ALA A 72 4.22 16.20 -9.63
C ALA A 72 3.65 15.38 -10.78
N GLN A 73 3.14 14.21 -10.39
CA GLN A 73 2.40 13.33 -11.27
C GLN A 73 1.18 12.89 -10.48
N THR A 74 0.25 12.19 -11.13
CA THR A 74 -0.88 11.63 -10.42
C THR A 74 -0.59 10.17 -10.06
N ARG A 75 -0.91 9.78 -8.83
CA ARG A 75 -0.68 8.41 -8.35
C ARG A 75 -1.41 7.36 -9.20
N VAL A 76 -2.59 7.73 -9.69
CA VAL A 76 -3.35 6.86 -10.59
C VAL A 76 -3.99 7.69 -11.73
N LYS A 77 -3.39 7.60 -12.92
CA LYS A 77 -3.87 8.32 -14.10
C LYS A 77 -3.27 7.73 -15.38
N ALA A 83 -1.51 8.02 -26.31
CA ALA A 83 -1.54 6.75 -25.58
C ALA A 83 -2.24 5.66 -26.39
N ARG A 84 -1.45 4.76 -26.99
CA ARG A 84 -2.02 3.66 -27.74
C ARG A 84 -2.15 2.39 -26.90
N ASP A 85 -2.71 1.36 -27.52
CA ASP A 85 -2.90 0.06 -26.87
C ASP A 85 -1.80 -0.92 -27.31
N TYR A 86 -1.22 -1.65 -26.36
CA TYR A 86 -0.18 -2.64 -26.68
C TYR A 86 -0.61 -4.05 -26.28
N THR A 87 -0.08 -5.04 -26.97
CA THR A 87 -0.04 -6.38 -26.41
C THR A 87 1.26 -6.46 -25.63
N LEU A 88 1.38 -7.51 -24.81
CA LEU A 88 2.65 -7.79 -24.17
C LEU A 88 3.76 -7.94 -25.20
N ARG A 89 3.47 -8.55 -26.34
CA ARG A 89 4.48 -8.69 -27.37
C ARG A 89 4.87 -7.34 -28.00
N THR A 90 3.88 -6.50 -28.31
CA THR A 90 4.19 -5.25 -29.01
C THR A 90 4.89 -4.28 -28.04
N PHE A 91 4.50 -4.31 -26.77
CA PHE A 91 5.16 -3.46 -25.80
C PHE A 91 6.63 -3.85 -25.67
N GLY A 92 6.88 -5.15 -25.58
CA GLY A 92 8.23 -5.66 -25.46
C GLY A 92 9.08 -5.34 -26.67
N GLU A 93 8.49 -5.37 -27.87
CA GLU A 93 9.24 -5.00 -29.07
C GLU A 93 9.61 -3.51 -29.01
N MET A 94 8.68 -2.67 -28.57
CA MET A 94 8.91 -1.23 -28.38
C MET A 94 9.98 -0.98 -27.32
N ALA A 95 9.80 -1.63 -26.17
CA ALA A 95 10.71 -1.52 -25.03
C ALA A 95 12.15 -1.85 -25.41
N ASP A 96 12.35 -3.00 -26.04
CA ASP A 96 13.68 -3.46 -26.41
C ASP A 96 14.31 -2.54 -27.46
N ALA A 97 13.51 -2.10 -28.43
CA ALA A 97 14.02 -1.21 -29.48
C ALA A 97 14.47 0.11 -28.85
N PHE A 98 13.65 0.66 -27.95
CA PHE A 98 13.99 1.91 -27.28
C PHE A 98 15.35 1.81 -26.57
N LYS A 99 15.50 0.82 -25.70
CA LYS A 99 16.73 0.67 -24.94
C LYS A 99 17.96 0.47 -25.82
N SER A 100 17.85 -0.36 -26.85
CA SER A 100 19.02 -0.65 -27.67
C SER A 100 19.36 0.56 -28.53
N ASP A 101 18.34 1.30 -28.99
CA ASP A 101 18.57 2.51 -29.77
C ASP A 101 19.13 3.61 -28.89
N TYR A 102 18.62 3.70 -27.67
CA TYR A 102 19.06 4.72 -26.74
C TYR A 102 20.55 4.60 -26.49
N PHE A 103 21.03 3.38 -26.26
CA PHE A 103 22.43 3.20 -25.92
C PHE A 103 23.28 2.74 -27.10
N ASN A 104 22.64 2.55 -28.26
CA ASN A 104 23.30 1.89 -29.36
C ASN A 104 24.05 0.62 -28.91
N MET A 105 23.38 -0.24 -28.15
CA MET A 105 23.96 -1.53 -27.70
C MET A 105 22.93 -2.66 -27.69
N PRO A 106 23.38 -3.92 -27.71
CA PRO A 106 22.45 -5.04 -27.39
C PRO A 106 21.88 -4.88 -25.97
N VAL A 107 20.58 -5.13 -25.76
CA VAL A 107 19.98 -4.69 -24.49
C VAL A 107 20.55 -5.32 -23.19
N HIS A 108 21.16 -6.53 -23.25
CA HIS A 108 21.85 -7.07 -22.05
C HIS A 108 23.28 -6.71 -21.89
N MET A 109 23.78 -5.82 -22.72
CA MET A 109 25.15 -5.46 -22.56
C MET A 109 25.22 -4.13 -21.87
N VAL A 110 24.06 -3.52 -21.64
CA VAL A 110 24.01 -2.25 -20.91
C VAL A 110 24.08 -2.50 -19.42
N PRO A 111 25.21 -2.10 -18.80
CA PRO A 111 25.44 -2.24 -17.36
C PRO A 111 24.36 -1.55 -16.54
N THR A 112 23.89 -2.18 -15.47
CA THR A 112 22.79 -1.62 -14.68
C THR A 112 23.24 -0.31 -14.03
N GLU A 113 24.53 -0.24 -13.68
CA GLU A 113 25.14 0.95 -13.10
C GLU A 113 25.04 2.12 -14.08
N LEU A 114 25.16 1.82 -15.37
CA LEU A 114 25.05 2.86 -16.39
C LEU A 114 23.61 3.34 -16.54
N VAL A 115 22.66 2.40 -16.53
CA VAL A 115 21.27 2.79 -16.67
C VAL A 115 20.87 3.68 -15.50
N GLU A 116 21.38 3.35 -14.31
CA GLU A 116 21.07 4.11 -13.11
C GLU A 116 21.62 5.52 -13.16
N LYS A 117 22.90 5.66 -13.53
CA LYS A 117 23.52 6.99 -13.72
C LYS A 117 22.70 7.79 -14.71
N GLU A 118 22.32 7.13 -15.80
CA GLU A 118 21.70 7.82 -16.93
C GLU A 118 20.26 8.21 -16.63
N PHE A 119 19.59 7.43 -15.80
CA PHE A 119 18.23 7.76 -15.42
C PHE A 119 18.22 9.06 -14.61
N TRP A 120 19.11 9.15 -13.63
CA TRP A 120 19.18 10.35 -12.77
C TRP A 120 19.72 11.58 -13.50
N ARG A 121 20.61 11.38 -14.47
CA ARG A 121 21.01 12.48 -15.33
C ARG A 121 19.80 12.96 -16.12
N LEU A 122 19.11 12.03 -16.74
CA LEU A 122 17.95 12.33 -17.57
C LEU A 122 16.90 13.15 -16.85
N VAL A 123 16.52 12.73 -15.64
CA VAL A 123 15.41 13.40 -14.97
C VAL A 123 15.82 14.79 -14.45
N SER A 124 17.10 15.10 -14.42
CA SER A 124 17.53 16.40 -13.89
C SER A 124 18.02 17.34 -14.98
N THR A 125 18.17 16.81 -16.20
CA THR A 125 18.58 17.63 -17.35
C THR A 125 17.35 18.12 -18.10
N ILE A 126 17.12 19.42 -18.13
CA ILE A 126 15.81 19.91 -18.61
C ILE A 126 15.66 20.01 -20.13
N GLU A 127 16.73 20.14 -20.89
CA GLU A 127 16.49 20.19 -22.33
C GLU A 127 16.88 18.87 -23.03
N GLU A 128 16.67 17.78 -22.29
CA GLU A 128 16.48 16.46 -22.87
C GLU A 128 15.04 16.06 -22.68
N ASP A 129 14.33 15.81 -23.76
CA ASP A 129 12.93 15.45 -23.63
C ASP A 129 12.74 13.99 -23.97
N VAL A 130 12.94 13.16 -22.96
CA VAL A 130 12.82 11.72 -23.09
C VAL A 130 11.54 11.26 -22.43
N THR A 131 10.65 10.63 -23.18
CA THR A 131 9.47 10.04 -22.55
C THR A 131 9.44 8.53 -22.77
N VAL A 132 8.87 7.81 -21.82
CA VAL A 132 8.74 6.37 -21.91
C VAL A 132 7.31 6.00 -21.53
N GLU A 133 7.01 4.72 -21.60
CA GLU A 133 5.68 4.26 -21.22
C GLU A 133 5.80 3.16 -20.19
N TYR A 134 4.76 3.03 -19.37
CA TYR A 134 4.75 2.09 -18.27
C TYR A 134 3.39 1.42 -18.19
N GLY A 135 3.35 0.10 -18.37
CA GLY A 135 2.14 -0.64 -18.12
C GLY A 135 1.95 -0.78 -16.62
N ALA A 136 1.51 0.28 -15.97
CA ALA A 136 1.48 0.29 -14.53
C ALA A 136 0.06 0.07 -14.04
N ASP A 137 -0.05 -0.49 -12.84
CA ASP A 137 -1.35 -0.67 -12.19
C ASP A 137 -2.39 -1.41 -13.06
N ILE A 138 -1.95 -2.48 -13.68
CA ILE A 138 -2.83 -3.34 -14.45
C ILE A 138 -3.49 -4.30 -13.44
N ALA A 139 -4.82 -4.38 -13.46
CA ALA A 139 -5.53 -5.17 -12.45
C ALA A 139 -5.36 -6.67 -12.66
N SER A 140 -4.98 -7.39 -11.60
CA SER A 140 -4.93 -8.85 -11.64
C SER A 140 -6.26 -9.42 -12.09
N LYS A 141 -7.36 -8.82 -11.62
CA LYS A 141 -8.70 -9.35 -11.86
C LYS A 141 -9.12 -9.39 -13.34
N GLU A 142 -8.66 -8.44 -14.14
CA GLU A 142 -9.02 -8.40 -15.56
C GLU A 142 -7.98 -9.06 -16.46
N PHE A 143 -6.71 -8.71 -16.25
CA PHE A 143 -5.55 -9.18 -17.03
C PHE A 143 -5.15 -10.62 -16.67
N GLY A 144 -5.21 -10.95 -15.38
CA GLY A 144 -4.81 -12.26 -14.90
C GLY A 144 -3.46 -12.28 -14.19
N SER A 145 -3.38 -12.99 -13.07
CA SER A 145 -2.14 -13.10 -12.30
C SER A 145 -1.03 -13.87 -13.03
N GLY A 146 0.22 -13.44 -12.81
CA GLY A 146 1.38 -14.20 -13.28
C GLY A 146 1.57 -15.48 -12.49
N PHE A 147 0.96 -15.55 -11.30
CA PHE A 147 0.92 -16.78 -10.50
C PHE A 147 -0.27 -17.68 -10.90
N PRO A 148 -0.16 -18.99 -10.61
CA PRO A 148 -1.23 -19.98 -10.79
C PRO A 148 -2.48 -19.69 -9.95
N VAL A 149 -3.67 -19.75 -10.58
CA VAL A 149 -4.93 -19.66 -9.83
C VAL A 149 -5.89 -20.81 -10.20
N ARG A 150 -6.81 -21.13 -9.30
CA ARG A 150 -7.83 -22.14 -9.56
C ARG A 150 -8.94 -21.63 -10.46
N ASP A 151 -9.09 -22.26 -11.62
CA ASP A 151 -10.12 -21.85 -12.59
C ASP A 151 -10.84 -23.08 -13.15
N GLY A 152 -12.14 -23.18 -12.89
CA GLY A 152 -12.95 -24.27 -13.39
C GLY A 152 -13.03 -24.28 -14.92
N ILE A 154 -9.79 -23.70 -16.14
CA ILE A 154 -8.96 -24.64 -16.87
C ILE A 154 -8.30 -25.66 -15.95
N LYS A 155 -7.76 -26.73 -16.52
CA LYS A 155 -6.97 -27.69 -15.75
C LYS A 155 -5.54 -27.19 -15.64
N LEU A 156 -4.91 -27.46 -14.50
CA LEU A 156 -3.57 -26.96 -14.23
C LEU A 156 -2.57 -28.11 -14.01
N SER A 157 -1.36 -27.95 -14.54
CA SER A 157 -0.31 -28.97 -14.48
C SER A 157 0.09 -29.24 -13.03
N PRO A 158 0.72 -30.40 -12.75
CA PRO A 158 1.10 -30.60 -11.35
C PRO A 158 1.99 -29.48 -10.79
N GLU A 159 3.04 -29.08 -11.51
CA GLU A 159 4.00 -28.11 -10.98
C GLU A 159 3.35 -26.81 -10.53
N GLU A 160 2.35 -26.32 -11.26
CA GLU A 160 1.66 -25.13 -10.81
C GLU A 160 0.63 -25.44 -9.68
N GLU A 161 0.47 -26.70 -9.30
CA GLU A 161 -0.42 -27.04 -8.17
C GLU A 161 0.33 -26.94 -6.85
N GLU A 162 1.64 -27.09 -6.90
CA GLU A 162 2.49 -26.86 -5.74
C GLU A 162 2.48 -25.40 -5.36
N TYR A 163 2.50 -24.55 -6.37
CA TYR A 163 2.58 -23.11 -6.18
C TYR A 163 1.21 -22.49 -5.96
N LEU A 164 0.17 -23.32 -6.04
CA LEU A 164 -1.17 -22.78 -5.98
C LEU A 164 -1.52 -22.35 -4.57
N ASP A 165 -0.95 -23.04 -3.60
CA ASP A 165 -1.31 -22.80 -2.22
C ASP A 165 -0.18 -22.16 -1.44
N SER A 166 0.97 -21.99 -2.08
CA SER A 166 2.09 -21.25 -1.50
C SER A 166 1.66 -19.89 -0.91
N GLY A 167 2.20 -19.56 0.24
CA GLY A 167 1.97 -18.25 0.83
C GLY A 167 2.64 -17.14 0.03
N TRP A 168 3.66 -17.48 -0.76
CA TRP A 168 4.34 -16.48 -1.58
C TRP A 168 3.67 -16.29 -2.94
N ASN A 169 2.71 -17.15 -3.26
CA ASN A 169 1.84 -16.88 -4.39
C ASN A 169 1.06 -15.65 -3.97
N LEU A 170 1.19 -14.54 -4.69
CA LEU A 170 0.72 -13.26 -4.14
C LEU A 170 -0.80 -13.18 -4.14
N ASN A 171 -1.46 -14.06 -4.89
CA ASN A 171 -2.91 -14.18 -4.79
C ASN A 171 -3.39 -14.66 -3.43
N ASN A 172 -2.58 -15.46 -2.75
CA ASN A 172 -2.93 -16.03 -1.45
C ASN A 172 -2.59 -15.13 -0.28
N MET A 173 -1.45 -14.45 -0.39
CA MET A 173 -0.90 -13.63 0.69
C MET A 173 -1.93 -12.78 1.42
N PRO A 174 -2.77 -12.01 0.67
CA PRO A 174 -3.62 -11.08 1.42
C PRO A 174 -4.93 -11.69 1.89
N VAL A 175 -5.15 -12.97 1.62
CA VAL A 175 -6.38 -13.67 1.99
C VAL A 175 -6.10 -14.70 3.10
N MET A 176 -4.84 -14.88 3.47
CA MET A 176 -4.49 -15.77 4.56
C MET A 176 -4.89 -15.21 5.92
N GLU A 177 -4.87 -16.06 6.95
CA GLU A 177 -5.46 -15.64 8.22
C GLU A 177 -4.58 -14.67 9.02
N GLN A 178 -3.24 -14.72 8.88
CA GLN A 178 -2.38 -13.80 9.63
C GLN A 178 -2.30 -12.42 9.00
N SER A 179 -2.95 -12.28 7.85
CA SER A 179 -3.22 -11.00 7.21
C SER A 179 -4.51 -10.38 7.73
N VAL A 180 -4.43 -9.21 8.37
CA VAL A 180 -5.62 -8.72 9.05
C VAL A 180 -6.60 -8.09 8.07
N LEU A 181 -6.19 -7.87 6.82
CA LEU A 181 -7.10 -7.33 5.80
C LEU A 181 -8.05 -8.39 5.21
N ALA A 182 -7.80 -9.66 5.55
CA ALA A 182 -8.54 -10.76 4.98
C ALA A 182 -9.99 -10.69 5.38
N HIS A 183 -10.20 -10.36 6.65
N HIS A 183 -10.25 -10.42 6.65
CA HIS A 183 -11.50 -10.38 7.29
CA HIS A 183 -11.61 -10.46 7.15
C HIS A 183 -12.38 -9.22 6.81
C HIS A 183 -12.42 -9.20 6.80
N ILE A 184 -11.77 -8.19 6.23
CA ILE A 184 -12.55 -7.05 5.69
C ILE A 184 -13.41 -7.52 4.52
N THR A 185 -14.72 -7.31 4.65
CA THR A 185 -15.66 -7.76 3.64
C THR A 185 -15.67 -6.79 2.46
N ALA A 186 -15.52 -5.50 2.75
CA ALA A 186 -15.54 -4.46 1.71
C ALA A 186 -14.52 -4.74 0.62
N ASP A 187 -14.99 -4.83 -0.62
CA ASP A 187 -14.09 -5.07 -1.75
C ASP A 187 -13.27 -3.81 -1.99
N ILE A 188 -12.22 -3.65 -1.17
CA ILE A 188 -11.25 -2.59 -1.33
C ILE A 188 -10.57 -2.70 -2.68
N CYS A 189 -10.25 -3.93 -3.05
CA CYS A 189 -9.60 -4.29 -4.33
C CYS A 189 -8.23 -3.62 -4.50
N GLY A 190 -8.17 -2.32 -4.28
CA GLY A 190 -6.91 -1.61 -4.26
C GLY A 190 -5.90 -2.27 -3.32
N MET A 191 -6.39 -3.08 -2.38
CA MET A 191 -5.51 -3.63 -1.34
C MET A 191 -5.60 -5.14 -1.08
N LYS A 192 -6.53 -5.83 -1.72
CA LYS A 192 -6.63 -7.26 -1.52
C LYS A 192 -6.14 -8.02 -2.77
N LEU A 193 -6.11 -7.33 -3.90
CA LEU A 193 -5.85 -7.93 -5.20
C LEU A 193 -4.50 -7.52 -5.77
N PRO A 194 -3.76 -8.47 -6.33
CA PRO A 194 -2.47 -8.18 -6.98
C PRO A 194 -2.58 -7.15 -8.12
N TRP A 195 -1.54 -6.35 -8.28
CA TRP A 195 -1.45 -5.45 -9.43
C TRP A 195 -0.22 -5.80 -10.23
N LEU A 196 -0.29 -5.57 -11.54
CA LEU A 196 0.75 -5.98 -12.47
C LEU A 196 1.46 -4.78 -13.06
N TYR A 197 2.78 -4.86 -13.20
CA TYR A 197 3.54 -3.76 -13.77
C TYR A 197 4.43 -4.27 -14.90
N VAL A 198 4.19 -3.76 -16.09
CA VAL A 198 5.00 -4.09 -17.26
C VAL A 198 5.95 -2.94 -17.59
N GLY A 199 7.23 -3.15 -17.34
CA GLY A 199 8.19 -2.07 -17.40
C GLY A 199 8.97 -2.05 -18.69
N MET A 200 9.52 -0.89 -18.98
CA MET A 200 10.55 -0.73 -20.00
C MET A 200 11.67 0.12 -19.38
N CYS A 201 12.80 0.21 -20.06
CA CYS A 201 13.92 1.02 -19.59
C CYS A 201 13.49 2.46 -19.22
N PHE A 202 13.85 2.89 -18.01
CA PHE A 202 13.59 4.24 -17.46
C PHE A 202 12.15 4.47 -16.95
N SER A 203 11.24 3.54 -17.21
CA SER A 203 9.88 3.64 -16.65
C SER A 203 10.02 3.63 -15.13
N SER A 204 9.22 4.43 -14.42
CA SER A 204 9.50 4.69 -13.00
C SER A 204 8.29 4.77 -12.10
N PHE A 205 8.54 4.60 -10.82
CA PHE A 205 7.55 4.90 -9.81
C PHE A 205 8.11 5.96 -8.84
N CYS A 206 7.27 6.93 -8.49
CA CYS A 206 7.71 8.05 -7.67
C CYS A 206 7.78 7.65 -6.23
N TRP A 207 8.41 8.51 -5.43
CA TRP A 207 8.39 8.37 -3.97
C TRP A 207 6.95 8.34 -3.45
N HIS A 208 6.64 7.30 -2.69
CA HIS A 208 5.35 7.15 -2.06
C HIS A 208 5.46 6.18 -0.90
N ILE A 209 4.41 6.12 -0.09
CA ILE A 209 4.23 5.05 0.88
C ILE A 209 2.88 4.41 0.58
N GLU A 210 2.61 3.24 1.15
CA GLU A 210 1.36 2.52 0.83
C GLU A 210 0.16 3.07 1.61
N ASP A 211 -1.02 2.85 1.06
CA ASP A 211 -2.26 3.20 1.74
C ASP A 211 -2.29 2.58 3.13
N HIS A 212 -2.67 3.40 4.11
CA HIS A 212 -2.82 2.98 5.50
C HIS A 212 -1.51 2.45 6.07
N TRP A 213 -0.41 2.92 5.49
CA TRP A 213 0.93 2.53 5.93
C TRP A 213 1.09 1.01 5.93
N SER A 214 0.45 0.33 5.00
CA SER A 214 0.56 -1.13 4.92
C SER A 214 1.91 -1.56 4.35
N TYR A 215 2.22 -2.85 4.52
CA TYR A 215 3.33 -3.49 3.80
C TYR A 215 2.97 -3.62 2.33
N SER A 216 4.00 -3.84 1.50
CA SER A 216 3.77 -4.42 0.19
C SER A 216 4.84 -5.48 -0.09
N ILE A 217 4.50 -6.38 -1.00
CA ILE A 217 5.41 -7.40 -1.50
C ILE A 217 5.30 -7.42 -3.02
N ASN A 218 6.46 -7.44 -3.69
N ASN A 218 6.46 -7.43 -3.67
CA ASN A 218 6.57 -7.28 -5.13
CA ASN A 218 6.56 -7.28 -5.10
C ASN A 218 7.42 -8.40 -5.67
C ASN A 218 7.41 -8.41 -5.65
N TYR A 219 6.89 -9.11 -6.67
CA TYR A 219 7.61 -10.20 -7.30
C TYR A 219 7.88 -9.87 -8.76
N LEU A 220 9.13 -9.97 -9.15
CA LEU A 220 9.48 -9.78 -10.54
C LEU A 220 9.42 -11.15 -11.23
N HIS A 221 8.42 -11.36 -12.08
CA HIS A 221 8.28 -12.66 -12.72
C HIS A 221 9.39 -12.92 -13.73
N TRP A 222 9.76 -11.92 -14.51
CA TRP A 222 10.81 -12.11 -15.53
C TRP A 222 11.24 -10.77 -16.12
N GLY A 223 12.34 -10.80 -16.87
CA GLY A 223 12.83 -9.62 -17.56
C GLY A 223 14.00 -8.99 -16.84
N GLU A 224 14.37 -7.79 -17.29
CA GLU A 224 15.52 -7.08 -16.73
C GLU A 224 15.19 -6.50 -15.36
N PRO A 225 16.23 -6.16 -14.59
CA PRO A 225 15.92 -5.84 -13.19
C PRO A 225 15.08 -4.58 -12.97
N LYS A 226 14.58 -4.49 -11.73
CA LYS A 226 13.89 -3.33 -11.25
C LYS A 226 14.79 -2.72 -10.18
N THR A 227 15.12 -1.44 -10.33
CA THR A 227 15.96 -0.76 -9.34
C THR A 227 15.08 0.02 -8.37
N TRP A 228 15.33 -0.20 -7.08
CA TRP A 228 14.54 0.36 -5.99
C TRP A 228 15.38 1.28 -5.13
N TYR A 229 14.75 2.31 -4.60
CA TYR A 229 15.30 3.04 -3.47
C TYR A 229 14.28 3.00 -2.35
N GLY A 230 14.77 2.85 -1.12
CA GLY A 230 13.91 2.75 0.03
C GLY A 230 14.43 3.57 1.19
N VAL A 231 13.49 4.08 1.97
CA VAL A 231 13.75 4.88 3.15
C VAL A 231 13.00 4.24 4.32
N PRO A 232 13.68 4.03 5.45
CA PRO A 232 12.98 3.40 6.60
C PRO A 232 11.84 4.24 7.15
N GLY A 233 10.83 3.53 7.64
CA GLY A 233 9.69 4.13 8.28
C GLY A 233 10.02 5.24 9.26
N TYR A 234 11.05 5.05 10.10
CA TYR A 234 11.35 6.04 11.13
C TYR A 234 11.77 7.39 10.54
N ALA A 235 12.27 7.39 9.30
CA ALA A 235 12.70 8.62 8.62
C ALA A 235 11.63 9.20 7.66
N ALA A 236 10.41 8.71 7.76
CA ALA A 236 9.31 9.17 6.88
C ALA A 236 9.06 10.68 6.93
N GLU A 237 8.93 11.21 8.13
CA GLU A 237 8.59 12.62 8.26
C GLU A 237 9.79 13.46 7.89
N GLN A 238 10.98 12.95 8.18
CA GLN A 238 12.20 13.62 7.77
C GLN A 238 12.29 13.75 6.26
N LEU A 239 11.87 12.71 5.54
CA LEU A 239 11.89 12.78 4.08
C LEU A 239 10.84 13.75 3.59
N GLU A 240 9.69 13.73 4.24
CA GLU A 240 8.60 14.63 3.90
C GLU A 240 8.99 16.08 4.13
N ASN A 241 9.69 16.36 5.23
CA ASN A 241 10.22 17.71 5.48
C ASN A 241 11.20 18.15 4.40
N VAL A 242 12.10 17.25 4.02
CA VAL A 242 13.06 17.57 2.96
C VAL A 242 12.33 17.89 1.67
N MET A 243 11.30 17.12 1.36
CA MET A 243 10.61 17.31 0.09
C MET A 243 9.73 18.55 0.13
N LYS A 244 9.29 18.93 1.33
CA LYS A 244 8.48 20.12 1.50
C LYS A 244 9.27 21.36 1.03
N LYS A 245 10.53 21.44 1.43
CA LYS A 245 11.35 22.61 1.08
C LYS A 245 11.61 22.69 -0.42
N LEU A 246 11.90 21.56 -1.06
CA LEU A 246 12.33 21.56 -2.45
C LEU A 246 11.18 21.58 -3.47
N ALA A 247 10.03 20.99 -3.14
CA ALA A 247 8.93 20.90 -4.09
C ALA A 247 7.54 21.05 -3.44
N PRO A 248 7.19 22.26 -2.99
CA PRO A 248 5.95 22.53 -2.23
C PRO A 248 4.63 22.11 -2.89
N GLU A 249 4.55 22.13 -4.22
CA GLU A 249 3.30 21.89 -4.95
C GLU A 249 2.64 20.53 -4.64
N LEU A 250 3.46 19.49 -4.49
CA LEU A 250 2.98 18.13 -4.23
C LEU A 250 2.15 18.00 -2.96
N PHE A 251 2.34 18.96 -2.05
CA PHE A 251 1.77 18.88 -0.71
C PHE A 251 0.46 19.66 -0.59
N VAL A 252 0.08 20.35 -1.66
CA VAL A 252 -1.22 21.01 -1.69
C VAL A 252 -2.33 19.97 -1.61
N SER A 253 -3.20 20.13 -0.62
CA SER A 253 -4.27 19.17 -0.33
C SER A 253 -5.11 18.85 -1.56
N GLN A 254 -5.20 17.57 -1.91
CA GLN A 254 -5.94 17.13 -3.09
C GLN A 254 -7.39 16.79 -2.74
N PRO A 255 -8.33 17.09 -3.66
CA PRO A 255 -9.77 16.90 -3.40
C PRO A 255 -10.26 15.46 -3.64
N ASP A 256 -9.35 14.49 -3.63
CA ASP A 256 -9.71 13.08 -3.83
C ASP A 256 -8.56 12.14 -3.46
N LEU A 257 -8.90 10.89 -3.15
CA LEU A 257 -7.91 9.86 -2.86
C LEU A 257 -7.25 9.36 -4.14
N LEU A 258 -7.88 9.67 -5.27
CA LEU A 258 -7.32 9.37 -6.59
C LEU A 258 -6.73 10.63 -7.24
N HIS A 259 -6.40 11.61 -6.40
CA HIS A 259 -5.82 12.88 -6.86
C HIS A 259 -4.47 13.15 -6.20
N GLN A 260 -3.83 12.10 -5.69
CA GLN A 260 -2.54 12.21 -5.00
C GLN A 260 -1.43 12.78 -5.89
N LEU A 261 -0.53 13.56 -5.30
CA LEU A 261 0.63 14.11 -6.01
C LEU A 261 1.95 13.50 -5.49
N VAL A 262 2.63 12.78 -6.37
CA VAL A 262 3.91 12.15 -6.03
C VAL A 262 4.98 12.63 -7.00
N THR A 263 6.25 12.46 -6.64
CA THR A 263 7.33 12.92 -7.51
C THR A 263 8.60 12.06 -7.51
N ILE A 264 9.42 12.29 -8.55
CA ILE A 264 10.75 11.71 -8.65
C ILE A 264 11.75 12.66 -7.99
N MET A 265 12.66 12.13 -7.17
CA MET A 265 13.70 12.95 -6.53
C MET A 265 14.97 12.14 -6.28
N ASN A 266 16.12 12.73 -6.59
CA ASN A 266 17.41 12.05 -6.51
C ASN A 266 17.70 11.60 -5.10
N PRO A 267 18.02 10.31 -4.91
CA PRO A 267 18.28 9.86 -3.53
C PRO A 267 19.52 10.51 -2.96
N ASN A 268 20.46 10.96 -3.81
CA ASN A 268 21.59 11.73 -3.31
C ASN A 268 21.15 13.06 -2.67
N THR A 269 20.04 13.63 -3.15
CA THR A 269 19.52 14.86 -2.56
C THR A 269 19.03 14.57 -1.15
N LEU A 270 18.41 13.41 -1.00
CA LEU A 270 17.96 12.98 0.32
C LEU A 270 19.16 12.68 1.21
N MET A 271 20.15 11.98 0.66
CA MET A 271 21.34 11.62 1.42
C MET A 271 22.11 12.87 1.89
N THR A 272 22.19 13.87 1.03
CA THR A 272 22.74 15.16 1.38
C THR A 272 22.00 15.75 2.60
N HIS A 273 20.71 15.50 2.70
CA HIS A 273 19.98 16.05 3.84
C HIS A 273 19.85 15.06 4.98
N GLU A 274 20.73 14.07 4.99
CA GLU A 274 20.84 13.11 6.08
C GLU A 274 19.59 12.23 6.25
N VAL A 275 18.86 12.03 5.16
CA VAL A 275 17.81 11.01 5.11
C VAL A 275 18.44 9.69 4.70
N PRO A 276 18.28 8.64 5.52
CA PRO A 276 18.88 7.36 5.15
C PRO A 276 18.17 6.72 3.93
N VAL A 277 18.93 6.45 2.87
CA VAL A 277 18.39 5.80 1.68
C VAL A 277 19.16 4.52 1.36
N TYR A 278 18.47 3.47 0.93
CA TYR A 278 19.10 2.21 0.52
C TYR A 278 18.63 1.84 -0.87
N ARG A 279 19.43 1.05 -1.59
CA ARG A 279 19.09 0.65 -2.95
C ARG A 279 19.07 -0.87 -3.11
N THR A 280 18.54 -1.30 -4.24
CA THR A 280 18.73 -2.68 -4.67
C THR A 280 18.29 -2.80 -6.11
N ASN A 281 18.90 -3.75 -6.82
CA ASN A 281 18.43 -4.23 -8.11
C ASN A 281 17.68 -5.54 -7.89
N GLN A 282 16.37 -5.51 -8.06
CA GLN A 282 15.59 -6.72 -7.93
C GLN A 282 15.66 -7.44 -9.26
N CYS A 283 16.13 -8.67 -9.25
CA CYS A 283 16.16 -9.48 -10.46
C CYS A 283 14.99 -10.46 -10.55
N ALA A 284 14.81 -11.06 -11.72
CA ALA A 284 13.73 -12.01 -11.98
C ALA A 284 13.74 -13.13 -10.94
N GLY A 285 12.59 -13.42 -10.35
CA GLY A 285 12.49 -14.50 -9.38
C GLY A 285 12.77 -14.02 -7.96
N GLU A 286 12.94 -12.71 -7.80
CA GLU A 286 13.18 -12.14 -6.47
C GLU A 286 12.01 -11.31 -5.98
N PHE A 287 11.82 -11.31 -4.67
CA PHE A 287 10.81 -10.52 -3.99
C PHE A 287 11.44 -9.27 -3.39
N VAL A 288 10.69 -8.19 -3.38
CA VAL A 288 11.04 -7.02 -2.58
C VAL A 288 9.88 -6.77 -1.64
N ILE A 289 10.21 -6.56 -0.37
CA ILE A 289 9.20 -6.25 0.61
C ILE A 289 9.39 -4.82 1.11
N THR A 290 8.32 -4.03 1.09
CA THR A 290 8.36 -2.69 1.71
C THR A 290 7.64 -2.70 3.07
N PHE A 291 8.24 -2.03 4.04
CA PHE A 291 7.70 -2.07 5.39
C PHE A 291 6.83 -0.85 5.67
N PRO A 292 6.04 -0.88 6.76
CA PRO A 292 5.05 0.19 6.98
C PRO A 292 5.66 1.59 7.05
N ARG A 293 5.06 2.53 6.32
N ARG A 293 5.05 2.52 6.31
CA ARG A 293 5.48 3.95 6.30
CA ARG A 293 5.43 3.92 6.23
C ARG A 293 6.90 4.09 5.72
C ARG A 293 6.83 4.12 5.61
N ALA A 294 7.35 3.07 4.98
CA ALA A 294 8.65 3.16 4.30
C ALA A 294 8.53 3.75 2.89
N TYR A 295 9.06 4.94 2.69
CA TYR A 295 9.08 5.52 1.35
C TYR A 295 9.91 4.72 0.36
N HIS A 296 9.39 4.59 -0.86
CA HIS A 296 10.15 3.96 -1.91
C HIS A 296 9.84 4.54 -3.29
N SER A 297 10.76 4.29 -4.20
CA SER A 297 10.71 4.77 -5.57
C SER A 297 11.68 3.91 -6.36
N GLY A 298 11.69 4.08 -7.67
CA GLY A 298 12.57 3.28 -8.48
C GLY A 298 12.23 3.37 -9.94
N PHE A 299 12.90 2.55 -10.73
CA PHE A 299 12.73 2.58 -12.17
C PHE A 299 13.12 1.18 -12.70
N ASN A 300 12.68 0.86 -13.90
CA ASN A 300 12.98 -0.41 -14.51
C ASN A 300 14.19 -0.33 -15.45
N GLN A 301 15.07 -1.31 -15.35
CA GLN A 301 16.25 -1.40 -16.22
C GLN A 301 15.91 -1.74 -17.66
N GLY A 302 14.72 -2.28 -17.87
CA GLY A 302 14.35 -2.79 -19.18
C GLY A 302 13.00 -3.45 -19.15
N PHE A 303 12.69 -4.16 -20.22
CA PHE A 303 11.43 -4.86 -20.36
C PHE A 303 11.29 -5.88 -19.23
N ASN A 304 10.26 -5.74 -18.41
CA ASN A 304 10.07 -6.73 -17.36
C ASN A 304 8.62 -6.83 -16.94
N PHE A 305 8.35 -7.72 -16.01
CA PHE A 305 7.00 -8.03 -15.61
C PHE A 305 6.93 -8.33 -14.11
N ALA A 306 6.23 -7.48 -13.38
CA ALA A 306 6.18 -7.59 -11.95
C ALA A 306 4.74 -7.72 -11.48
N GLU A 307 4.57 -8.24 -10.28
CA GLU A 307 3.27 -8.39 -9.67
C GLU A 307 3.38 -8.03 -8.21
N ALA A 308 2.41 -7.28 -7.69
CA ALA A 308 2.51 -6.81 -6.32
C ALA A 308 1.18 -6.73 -5.59
N VAL A 309 1.24 -6.82 -4.27
CA VAL A 309 0.05 -6.70 -3.48
C VAL A 309 0.38 -6.08 -2.13
N ASN A 310 -0.58 -5.40 -1.51
CA ASN A 310 -0.40 -4.95 -0.12
C ASN A 310 -0.80 -6.01 0.84
N PHE A 311 -0.34 -5.88 2.08
CA PHE A 311 -0.86 -6.70 3.16
C PHE A 311 -0.57 -6.09 4.51
N CYS A 312 -1.28 -6.58 5.53
CA CYS A 312 -1.14 -6.09 6.89
C CYS A 312 -1.01 -7.21 7.90
N THR A 313 0.09 -7.21 8.65
CA THR A 313 0.26 -8.22 9.70
C THR A 313 -0.28 -7.65 11.00
N VAL A 314 -0.31 -8.46 12.05
CA VAL A 314 -0.72 -7.99 13.36
C VAL A 314 0.32 -7.00 13.91
N ASP A 315 1.57 -7.15 13.51
CA ASP A 315 2.60 -6.15 13.78
C ASP A 315 2.11 -4.73 13.42
N TRP A 316 1.20 -4.66 12.46
CA TRP A 316 0.89 -3.42 11.80
C TRP A 316 -0.28 -2.67 12.46
N LEU A 317 -1.19 -3.40 13.12
CA LEU A 317 -2.41 -2.82 13.70
C LEU A 317 -2.24 -1.48 14.41
N PRO A 318 -1.24 -1.34 15.32
CA PRO A 318 -1.15 -0.01 15.94
C PRO A 318 -0.79 1.09 14.95
N LEU A 319 0.05 0.77 13.97
CA LEU A 319 0.44 1.74 12.93
C LEU A 319 -0.76 2.09 12.06
N GLY A 320 -1.64 1.12 11.83
CA GLY A 320 -2.85 1.36 11.08
C GLY A 320 -3.74 2.36 11.78
N ARG A 321 -3.83 2.25 13.11
CA ARG A 321 -4.57 3.22 13.90
C ARG A 321 -3.89 4.60 13.82
N GLN A 322 -2.56 4.63 14.00
N GLN A 322 -2.57 4.64 14.02
CA GLN A 322 -1.82 5.88 13.96
CA GLN A 322 -1.81 5.90 13.94
C GLN A 322 -1.84 6.53 12.57
C GLN A 322 -1.97 6.53 12.57
N CYS A 323 -1.98 5.70 11.53
CA CYS A 323 -2.10 6.22 10.18
C CYS A 323 -3.43 6.95 9.97
N VAL A 324 -4.52 6.36 10.44
CA VAL A 324 -5.83 6.97 10.26
C VAL A 324 -5.97 8.30 11.04
N GLU A 325 -5.32 8.37 12.19
CA GLU A 325 -5.18 9.60 12.94
C GLU A 325 -4.41 10.64 12.11
N HIS A 326 -3.36 10.20 11.43
CA HIS A 326 -2.55 11.09 10.58
C HIS A 326 -3.37 11.56 9.36
N TYR A 327 -4.14 10.65 8.75
CA TYR A 327 -5.01 11.04 7.63
C TYR A 327 -5.99 12.11 8.07
N ARG A 328 -6.52 11.98 9.28
CA ARG A 328 -7.49 12.94 9.80
C ARG A 328 -6.87 14.33 9.89
N LEU A 329 -5.65 14.42 10.42
CA LEU A 329 -4.94 15.70 10.55
C LEU A 329 -4.68 16.29 9.15
N LEU A 330 -4.41 15.43 8.18
CA LEU A 330 -4.15 15.84 6.81
C LEU A 330 -5.43 16.07 5.98
N HIS A 331 -6.58 15.79 6.58
CA HIS A 331 -7.86 15.82 5.86
C HIS A 331 -7.84 14.89 4.64
N ARG A 332 -7.16 13.75 4.75
CA ARG A 332 -7.04 12.84 3.63
C ARG A 332 -8.02 11.66 3.74
N TYR A 333 -8.65 11.32 2.63
CA TYR A 333 -9.59 10.20 2.56
C TYR A 333 -8.99 8.86 2.98
N CYS A 334 -9.81 8.03 3.65
CA CYS A 334 -9.43 6.68 4.07
C CYS A 334 -9.86 5.63 3.03
N VAL A 335 -9.08 4.57 2.89
CA VAL A 335 -9.50 3.48 2.00
C VAL A 335 -10.60 2.66 2.71
N PHE A 336 -10.46 2.49 4.01
CA PHE A 336 -11.45 1.78 4.81
C PHE A 336 -11.43 2.33 6.23
N SER A 337 -12.47 2.02 7.00
CA SER A 337 -12.45 2.36 8.41
C SER A 337 -11.66 1.31 9.18
N HIS A 338 -10.64 1.76 9.88
CA HIS A 338 -9.82 0.91 10.72
C HIS A 338 -10.67 0.31 11.84
N ASP A 339 -11.45 1.18 12.50
CA ASP A 339 -12.34 0.75 13.59
C ASP A 339 -13.36 -0.30 13.15
N GLU A 340 -13.92 -0.13 11.95
CA GLU A 340 -14.89 -1.08 11.45
C GLU A 340 -14.22 -2.45 11.26
N MET A 341 -12.96 -2.42 10.87
CA MET A 341 -12.21 -3.65 10.67
C MET A 341 -11.95 -4.33 12.01
N ILE A 342 -11.59 -3.55 13.03
CA ILE A 342 -11.37 -4.08 14.38
C ILE A 342 -12.64 -4.77 14.90
N CYS A 343 -13.78 -4.12 14.73
CA CYS A 343 -15.03 -4.65 15.27
C CYS A 343 -15.50 -5.86 14.47
N LYS A 344 -15.14 -5.90 13.20
CA LYS A 344 -15.52 -7.04 12.37
C LYS A 344 -14.80 -8.27 12.89
N MET A 345 -13.50 -8.10 13.13
CA MET A 345 -12.69 -9.19 13.66
C MET A 345 -13.16 -9.60 15.06
N ALA A 346 -13.50 -8.62 15.89
CA ALA A 346 -14.02 -8.91 17.22
C ALA A 346 -15.28 -9.76 17.12
N SER A 347 -16.10 -9.46 16.12
CA SER A 347 -17.39 -10.15 15.97
C SER A 347 -17.19 -11.58 15.45
N LYS A 348 -15.99 -11.88 14.98
CA LYS A 348 -15.64 -13.23 14.53
C LYS A 348 -14.59 -13.82 15.49
N ALA A 349 -14.63 -13.43 16.75
CA ALA A 349 -13.55 -13.78 17.68
C ALA A 349 -13.36 -15.30 17.86
N ASP A 350 -14.44 -16.07 17.77
CA ASP A 350 -14.31 -17.53 17.94
C ASP A 350 -13.46 -18.20 16.87
N VAL A 351 -13.30 -17.57 15.70
CA VAL A 351 -12.58 -18.18 14.59
C VAL A 351 -11.31 -17.42 14.20
N LEU A 352 -10.78 -16.60 15.10
CA LEU A 352 -9.55 -15.88 14.80
C LEU A 352 -8.38 -16.68 15.28
N ASP A 353 -7.25 -16.54 14.59
CA ASP A 353 -5.98 -16.99 15.12
C ASP A 353 -5.82 -16.37 16.50
N VAL A 354 -5.22 -17.12 17.42
CA VAL A 354 -5.14 -16.71 18.82
C VAL A 354 -4.16 -15.55 19.06
N VAL A 355 -3.12 -15.44 18.24
CA VAL A 355 -2.21 -14.31 18.34
C VAL A 355 -2.88 -13.08 17.73
N VAL A 356 -3.66 -13.30 16.68
CA VAL A 356 -4.44 -12.23 16.09
C VAL A 356 -5.50 -11.73 17.08
N ALA A 357 -6.20 -12.65 17.75
CA ALA A 357 -7.26 -12.26 18.68
C ALA A 357 -6.66 -11.42 19.82
N SER A 358 -5.45 -11.77 20.21
CA SER A 358 -4.74 -11.08 21.27
C SER A 358 -4.37 -9.66 20.84
N THR A 359 -3.91 -9.51 19.61
CA THR A 359 -3.47 -8.22 19.12
C THR A 359 -4.67 -7.30 18.85
N VAL A 360 -5.75 -7.88 18.33
CA VAL A 360 -6.95 -7.11 18.08
C VAL A 360 -7.52 -6.57 19.39
N GLN A 361 -7.53 -7.42 20.42
CA GLN A 361 -8.07 -7.02 21.72
C GLN A 361 -7.31 -5.80 22.26
N LYS A 362 -5.99 -5.79 22.11
CA LYS A 362 -5.16 -4.66 22.55
C LYS A 362 -5.55 -3.36 21.83
N ASP A 363 -5.71 -3.42 20.51
CA ASP A 363 -6.12 -2.24 19.73
C ASP A 363 -7.54 -1.82 20.09
N MET A 364 -8.41 -2.79 20.34
CA MET A 364 -9.79 -2.50 20.67
C MET A 364 -9.91 -1.75 21.99
N ALA A 365 -9.05 -2.10 22.95
CA ALA A 365 -9.06 -1.45 24.26
C ALA A 365 -8.75 0.03 24.11
N ILE A 366 -7.77 0.35 23.27
CA ILE A 366 -7.48 1.72 22.94
C ILE A 366 -8.66 2.41 22.25
N MET A 367 -9.26 1.73 21.29
CA MET A 367 -10.42 2.26 20.59
C MET A 367 -11.52 2.66 21.57
N ILE A 368 -11.78 1.77 22.55
CA ILE A 368 -12.92 1.94 23.45
C ILE A 368 -12.67 3.09 24.39
N GLU A 369 -11.47 3.13 24.94
CA GLU A 369 -11.08 4.25 25.80
C GLU A 369 -11.10 5.58 25.04
N ASP A 370 -10.56 5.62 23.83
CA ASP A 370 -10.59 6.85 23.07
C ASP A 370 -12.04 7.25 22.76
N GLU A 371 -12.87 6.26 22.45
CA GLU A 371 -14.28 6.53 22.16
C GLU A 371 -15.01 7.06 23.39
N LYS A 372 -14.73 6.47 24.55
CA LYS A 372 -15.30 6.88 25.82
C LYS A 372 -15.03 8.37 26.11
N ALA A 373 -13.79 8.80 25.91
CA ALA A 373 -13.39 10.19 26.16
C ALA A 373 -14.04 11.16 25.18
N LEU A 374 -14.12 10.76 23.91
CA LEU A 374 -14.74 11.58 22.88
C LEU A 374 -16.22 11.78 23.14
N ARG A 375 -16.89 10.73 23.62
CA ARG A 375 -18.32 10.82 23.88
C ARG A 375 -18.61 11.72 25.08
N GLU A 376 -17.74 11.67 26.08
CA GLU A 376 -17.95 12.48 27.30
C GLU A 376 -17.78 13.95 26.94
N THR A 377 -16.85 14.22 26.01
CA THR A 377 -16.59 15.57 25.51
C THR A 377 -17.77 16.15 24.73
N VAL A 378 -18.34 15.40 23.79
CA VAL A 378 -19.48 15.92 23.02
C VAL A 378 -20.72 16.08 23.92
N ARG A 379 -20.87 15.22 24.92
CA ARG A 379 -21.94 15.38 25.90
C ARG A 379 -21.81 16.74 26.64
N LYS A 380 -20.60 17.09 27.05
CA LYS A 380 -20.33 18.31 27.80
C LYS A 380 -20.56 19.54 26.92
N LEU A 381 -20.62 19.32 25.61
CA LEU A 381 -20.87 20.41 24.68
C LEU A 381 -22.35 20.61 24.46
N GLY A 382 -23.16 19.76 25.10
CA GLY A 382 -24.60 19.95 25.03
C GLY A 382 -25.34 19.02 24.08
N VAL A 383 -24.61 18.14 23.40
CA VAL A 383 -25.27 17.14 22.57
C VAL A 383 -25.86 16.07 23.49
N ILE A 384 -27.18 16.00 23.51
CA ILE A 384 -27.85 15.07 24.43
C ILE A 384 -28.59 13.94 23.72
N ASP A 385 -29.29 14.27 22.66
CA ASP A 385 -30.01 13.30 21.83
C ASP A 385 -29.02 12.32 21.16
N SER A 386 -29.37 11.04 21.14
CA SER A 386 -28.57 10.02 20.47
C SER A 386 -29.44 8.90 19.89
N GLU A 387 -28.92 8.18 18.91
CA GLU A 387 -29.62 7.09 18.27
C GLU A 387 -28.59 6.16 17.63
N ARG A 388 -28.76 4.85 17.80
CA ARG A 388 -27.86 3.88 17.19
C ARG A 388 -27.92 3.98 15.67
N MET A 389 -26.81 3.69 15.01
CA MET A 389 -26.77 3.71 13.57
C MET A 389 -25.78 2.70 13.06
N ASP A 390 -26.23 1.87 12.12
CA ASP A 390 -25.35 0.87 11.51
C ASP A 390 -24.45 1.46 10.42
N PHE A 391 -23.38 2.13 10.81
CA PHE A 391 -22.52 2.83 9.85
C PHE A 391 -22.02 1.95 8.70
N GLU A 392 -21.84 0.65 8.95
CA GLU A 392 -21.21 -0.21 7.94
C GLU A 392 -22.10 -0.35 6.69
N LEU A 393 -23.39 -0.13 6.86
CA LEU A 393 -24.35 -0.12 5.76
C LEU A 393 -24.27 1.11 4.84
N LEU A 394 -23.73 2.22 5.32
CA LEU A 394 -23.60 3.41 4.48
C LEU A 394 -22.38 3.29 3.57
N PRO A 395 -22.57 3.62 2.29
CA PRO A 395 -21.41 3.75 1.39
C PRO A 395 -20.42 4.76 1.98
N ASP A 396 -19.13 4.61 1.71
CA ASP A 396 -18.13 5.43 2.39
C ASP A 396 -18.37 6.92 2.24
N ASP A 397 -18.72 7.34 1.03
CA ASP A 397 -18.84 8.77 0.76
C ASP A 397 -19.99 9.40 1.54
N GLU A 398 -20.94 8.57 1.99
CA GLU A 398 -22.06 9.07 2.79
C GLU A 398 -21.77 9.07 4.30
N ARG A 399 -20.55 8.72 4.70
CA ARG A 399 -20.24 8.74 6.13
C ARG A 399 -18.83 9.26 6.37
N GLN A 400 -18.42 10.19 5.54
CA GLN A 400 -17.17 10.90 5.75
C GLN A 400 -17.42 12.17 6.51
N CYS A 401 -16.56 12.45 7.47
CA CYS A 401 -16.63 13.71 8.21
C CYS A 401 -16.53 14.90 7.24
N VAL A 402 -17.43 15.86 7.40
CA VAL A 402 -17.44 17.04 6.55
C VAL A 402 -16.10 17.81 6.64
N LYS A 403 -15.48 17.82 7.82
CA LYS A 403 -14.23 18.56 8.01
C LYS A 403 -13.01 17.77 7.59
N CYS A 404 -12.72 16.66 8.28
CA CYS A 404 -11.45 15.98 8.10
C CYS A 404 -11.50 14.81 7.10
N LYS A 405 -12.72 14.51 6.62
CA LYS A 405 -12.97 13.50 5.58
C LYS A 405 -12.77 12.04 6.05
N THR A 406 -12.60 11.84 7.35
CA THR A 406 -12.38 10.50 7.86
C THR A 406 -13.67 9.67 7.69
N THR A 407 -13.51 8.39 7.41
CA THR A 407 -14.66 7.49 7.31
C THR A 407 -15.16 7.14 8.71
N CYS A 408 -16.36 7.61 9.06
CA CYS A 408 -16.92 7.32 10.39
C CYS A 408 -17.37 5.86 10.55
N PHE A 409 -17.24 5.34 11.76
CA PHE A 409 -17.80 4.03 12.08
C PHE A 409 -18.30 3.97 13.52
N MET A 410 -17.43 4.28 14.48
CA MET A 410 -17.82 4.25 15.88
C MET A 410 -18.95 5.24 16.21
N SER A 411 -18.85 6.45 15.67
CA SER A 411 -19.80 7.50 15.98
C SER A 411 -19.56 8.73 15.11
N ALA A 412 -20.61 9.54 15.03
CA ALA A 412 -20.61 10.78 14.28
C ALA A 412 -21.72 11.66 14.84
N ILE A 413 -21.68 12.94 14.50
CA ILE A 413 -22.73 13.89 14.86
C ILE A 413 -23.54 14.33 13.63
N SER A 414 -24.86 14.37 13.75
CA SER A 414 -25.71 14.90 12.69
C SER A 414 -26.61 16.02 13.22
N CYS A 415 -27.18 16.75 12.30
CA CYS A 415 -28.17 17.74 12.67
C CYS A 415 -29.25 17.81 11.60
N SER A 416 -30.50 17.85 12.04
CA SER A 416 -31.64 18.08 11.16
C SER A 416 -31.45 19.32 10.25
N CYS A 417 -30.74 20.33 10.77
CA CYS A 417 -30.35 21.52 10.02
C CYS A 417 -29.58 21.25 8.73
N LYS A 418 -28.66 20.30 8.77
CA LYS A 418 -27.89 19.96 7.58
C LYS A 418 -27.99 18.46 7.34
N PRO A 419 -29.14 18.01 6.78
CA PRO A 419 -29.49 16.60 6.62
C PRO A 419 -28.47 15.84 5.77
N GLY A 420 -28.18 14.61 6.17
CA GLY A 420 -27.25 13.81 5.41
C GLY A 420 -25.81 14.07 5.76
N LEU A 421 -25.53 15.22 6.38
CA LEU A 421 -24.16 15.55 6.75
C LEU A 421 -23.75 14.99 8.12
N LEU A 422 -22.48 14.65 8.23
CA LEU A 422 -21.89 14.11 9.44
C LEU A 422 -20.55 14.76 9.72
N VAL A 423 -20.23 14.90 10.99
CA VAL A 423 -18.86 15.13 11.39
C VAL A 423 -18.45 14.04 12.34
N CYS A 424 -17.17 13.72 12.40
CA CYS A 424 -16.67 12.85 13.45
C CYS A 424 -16.71 13.65 14.76
N LEU A 425 -16.39 12.98 15.87
CA LEU A 425 -16.56 13.64 17.14
C LEU A 425 -15.42 14.62 17.45
N HIS A 426 -14.41 14.69 16.58
CA HIS A 426 -13.39 15.72 16.72
C HIS A 426 -13.86 17.04 16.14
N HIS A 427 -14.90 17.00 15.32
CA HIS A 427 -15.27 18.21 14.61
C HIS A 427 -16.75 18.55 14.78
N VAL A 428 -17.24 18.34 16.01
CA VAL A 428 -18.61 18.70 16.39
C VAL A 428 -18.91 20.15 16.07
N LYS A 429 -17.96 21.04 16.32
CA LYS A 429 -18.26 22.46 16.11
C LYS A 429 -18.25 22.84 14.63
N GLU A 430 -18.04 21.86 13.74
CA GLU A 430 -17.94 22.17 12.31
C GLU A 430 -19.14 21.78 11.46
N LEU A 431 -20.18 21.22 12.06
CA LEU A 431 -21.32 20.71 11.32
C LEU A 431 -22.23 21.84 10.84
N CYS A 432 -22.93 22.51 11.75
CA CYS A 432 -23.72 23.67 11.36
C CYS A 432 -23.70 24.75 12.42
N SER A 433 -24.61 25.70 12.32
CA SER A 433 -24.60 26.80 13.27
C SER A 433 -25.74 26.70 14.28
N CYS A 434 -26.52 25.63 14.20
CA CYS A 434 -27.61 25.41 15.16
C CYS A 434 -27.02 25.09 16.53
N PRO A 435 -27.78 25.34 17.60
CA PRO A 435 -27.30 25.01 18.96
C PRO A 435 -27.11 23.51 19.15
N PRO A 436 -26.25 23.10 20.11
CA PRO A 436 -25.86 21.69 20.26
C PRO A 436 -27.01 20.77 20.68
N TYR A 437 -28.10 21.31 21.22
CA TYR A 437 -29.22 20.46 21.60
C TYR A 437 -30.04 20.01 20.39
N LYS A 438 -29.81 20.64 19.25
CA LYS A 438 -30.42 20.17 18.01
C LYS A 438 -29.61 19.05 17.37
N TYR A 439 -28.44 18.76 17.93
CA TYR A 439 -27.56 17.72 17.36
C TYR A 439 -27.97 16.35 17.84
N LYS A 440 -27.52 15.33 17.11
CA LYS A 440 -27.79 13.97 17.49
C LYS A 440 -26.46 13.22 17.46
N LEU A 441 -26.17 12.44 18.49
CA LEU A 441 -25.03 11.54 18.40
C LEU A 441 -25.47 10.21 17.75
N ARG A 442 -24.88 9.88 16.61
CA ARG A 442 -25.08 8.58 15.97
C ARG A 442 -23.97 7.67 16.37
N TYR A 443 -24.33 6.50 16.90
CA TYR A 443 -23.28 5.60 17.36
C TYR A 443 -23.52 4.16 16.90
N ARG A 444 -22.43 3.43 16.70
CA ARG A 444 -22.58 2.06 16.26
C ARG A 444 -22.91 1.17 17.45
N TYR A 445 -22.16 1.35 18.52
CA TYR A 445 -22.25 0.50 19.72
C TYR A 445 -22.30 1.36 20.96
N THR A 446 -23.09 0.95 21.95
CA THR A 446 -22.95 1.47 23.30
C THR A 446 -21.66 0.91 23.88
N LEU A 447 -21.08 1.60 24.85
CA LEU A 447 -19.92 1.05 25.57
C LEU A 447 -20.25 -0.32 26.18
N ASP A 448 -21.50 -0.52 26.54
CA ASP A 448 -21.96 -1.82 27.05
C ASP A 448 -21.90 -2.92 25.99
N ASP A 449 -22.05 -2.56 24.71
CA ASP A 449 -21.92 -3.55 23.63
C ASP A 449 -20.45 -3.90 23.44
N LEU A 450 -19.59 -2.92 23.66
CA LEU A 450 -18.20 -3.05 23.26
C LEU A 450 -17.39 -3.98 24.14
N TYR A 451 -17.60 -3.87 25.45
CA TYR A 451 -16.78 -4.61 26.41
C TYR A 451 -16.95 -6.15 26.29
N PRO A 452 -18.18 -6.65 26.10
CA PRO A 452 -18.27 -8.11 25.83
C PRO A 452 -17.58 -8.55 24.52
N MET A 453 -17.56 -7.70 23.50
CA MET A 453 -16.88 -8.03 22.24
C MET A 453 -15.42 -8.24 22.50
N MET A 454 -14.88 -7.36 23.33
CA MET A 454 -13.48 -7.44 23.69
C MET A 454 -13.20 -8.68 24.55
N ASN A 455 -14.17 -9.06 25.36
CA ASN A 455 -14.08 -10.27 26.18
C ASN A 455 -13.99 -11.55 25.38
N ALA A 456 -14.77 -11.64 24.32
CA ALA A 456 -14.73 -12.84 23.46
C ALA A 456 -13.33 -12.98 22.94
N LEU A 457 -12.71 -11.87 22.56
CA LEU A 457 -11.33 -11.86 22.12
C LEU A 457 -10.38 -12.35 23.21
N LYS A 458 -10.63 -11.94 24.46
CA LYS A 458 -9.75 -12.34 25.56
C LYS A 458 -9.84 -13.84 25.84
N LEU A 459 -11.07 -14.36 25.86
CA LEU A 459 -11.33 -15.80 26.04
C LEU A 459 -10.63 -16.59 24.94
N ARG A 460 -10.82 -16.14 23.70
CA ARG A 460 -10.17 -16.73 22.54
C ARG A 460 -8.64 -16.75 22.65
N ALA A 461 -8.07 -15.67 23.15
CA ALA A 461 -6.62 -15.54 23.22
C ALA A 461 -5.98 -16.34 24.37
N GLU A 462 -6.77 -16.71 25.38
CA GLU A 462 -6.22 -17.40 26.55
C GLU A 462 -6.37 -18.92 26.49
N SER A 463 -6.87 -19.41 25.35
CA SER A 463 -7.02 -20.85 25.15
C SER A 463 -5.83 -21.45 24.38
#